data_5A18
#
_entry.id   5A18
#
_cell.length_a   1.000
_cell.length_b   1.000
_cell.length_c   1.000
_cell.angle_alpha   90.00
_cell.angle_beta   90.00
_cell.angle_gamma   90.00
#
_symmetry.space_group_name_H-M   'P 1'
#
_entity_poly.entity_id   1
_entity_poly.type   'polyribonucleotide'
_entity_poly.pdbx_seq_one_letter_code
;GACGAUAUCGAGCAUCAAGAGUGAAUAUCGUC
;
_entity_poly.pdbx_strand_id   A
#